data_7HBY
#
_entry.id   7HBY
#
_cell.length_a   66.360
_cell.length_b   89.500
_cell.length_c   100.890
_cell.angle_alpha   90.000
_cell.angle_beta   90.000
_cell.angle_gamma   90.000
#
_symmetry.space_group_name_H-M   'I 2 2 2'
#
loop_
_entity.id
_entity.type
_entity.pdbx_description
1 polymer 'Heat shock protein HSP 90-alpha'
2 non-polymer N-[(4-fluorophenyl)methyl]-1H-pyrrole-2-carboxamide
3 water water
#
_entity_poly.entity_id   1
_entity_poly.type   'polypeptide(L)'
_entity_poly.pdbx_seq_one_letter_code
;MDQPMEEEEVETFAFQAEIAQLMSLIINTFYSNKEIFLRELISNSSDALDKIRYESLTDPSKLDSGKELHINLIPNKQDR
TLTIVDTGIGMTKADLINNLGTIAKSGTKAFMEALQAGADISMIGQFGVGFYSAYLVAEKVTVITKHNDDEQYAWESSAG
GSFTVRTDTGEPMGRGTKVILHLKEDQTEYLEERRIKEIVKKHSQFIGYPITLFVEKERDKEVSDDEAELEHHHHHH
;
_entity_poly.pdbx_strand_id   A
#
loop_
_chem_comp.id
_chem_comp.type
_chem_comp.name
_chem_comp.formula
A1AYP non-polymer N-[(4-fluorophenyl)methyl]-1H-pyrrole-2-carboxamide 'C12 H11 F N2 O'
#
# COMPACT_ATOMS: atom_id res chain seq x y z
N GLU A 9 -6.48 -15.83 -18.02
CA GLU A 9 -5.64 -16.76 -17.27
C GLU A 9 -5.21 -16.13 -15.94
N VAL A 10 -5.74 -16.67 -14.85
CA VAL A 10 -5.59 -16.11 -13.51
C VAL A 10 -4.80 -17.10 -12.68
N GLU A 11 -3.72 -16.63 -12.03
CA GLU A 11 -2.95 -17.50 -11.15
C GLU A 11 -3.32 -17.19 -9.70
N THR A 12 -3.57 -18.24 -8.91
CA THR A 12 -3.91 -18.06 -7.51
C THR A 12 -2.77 -18.57 -6.64
N PHE A 13 -2.39 -17.80 -5.62
CA PHE A 13 -1.21 -18.03 -4.79
C PHE A 13 -1.65 -18.02 -3.33
N ALA A 14 -1.06 -18.87 -2.50
CA ALA A 14 -1.21 -18.71 -1.07
C ALA A 14 -0.24 -17.67 -0.50
N PHE A 15 -0.73 -16.78 0.38
CA PHE A 15 0.19 -15.98 1.18
C PHE A 15 1.12 -16.85 2.01
N GLN A 16 2.35 -16.38 2.22
CA GLN A 16 3.16 -17.03 3.24
C GLN A 16 2.46 -16.93 4.58
N ALA A 17 2.72 -17.88 5.47
CA ALA A 17 1.92 -17.97 6.68
C ALA A 17 2.03 -16.70 7.50
N GLU A 18 3.23 -16.15 7.60
CA GLU A 18 3.44 -14.96 8.42
C GLU A 18 2.67 -13.77 7.88
N ILE A 19 2.52 -13.69 6.55
CA ILE A 19 1.78 -12.58 5.95
C ILE A 19 0.28 -12.75 6.16
N ALA A 20 -0.23 -13.98 6.01
CA ALA A 20 -1.63 -14.22 6.35
C ALA A 20 -1.93 -13.79 7.79
N GLN A 21 -1.00 -14.11 8.72
CA GLN A 21 -1.18 -13.78 10.12
C GLN A 21 -1.25 -12.27 10.31
N LEU A 22 -0.31 -11.53 9.70
CA LEU A 22 -0.37 -10.07 9.72
C LEU A 22 -1.72 -9.55 9.20
N MET A 23 -2.18 -10.07 8.07
CA MET A 23 -3.43 -9.54 7.57
C MET A 23 -4.58 -9.87 8.52
N SER A 24 -4.62 -11.07 9.13
CA SER A 24 -5.75 -11.33 10.02
C SER A 24 -5.69 -10.43 11.25
N LEU A 25 -4.48 -10.15 11.75
N LEU A 25 -4.49 -10.15 11.77
CA LEU A 25 -4.36 -9.23 12.88
CA LEU A 25 -4.38 -9.23 12.88
C LEU A 25 -4.89 -7.84 12.50
C LEU A 25 -4.87 -7.83 12.52
N ILE A 26 -4.52 -7.36 11.32
CA ILE A 26 -4.99 -6.04 10.89
C ILE A 26 -6.51 -6.02 10.79
N ILE A 27 -7.10 -7.12 10.28
CA ILE A 27 -8.54 -7.18 10.08
C ILE A 27 -9.30 -7.33 11.40
N ASN A 28 -8.73 -8.06 12.36
CA ASN A 28 -9.52 -8.50 13.50
C ASN A 28 -9.30 -7.70 14.77
N THR A 29 -8.16 -7.03 14.90
CA THR A 29 -7.89 -6.27 16.12
C THR A 29 -8.81 -5.06 16.20
N PHE A 30 -9.37 -4.83 17.38
CA PHE A 30 -10.04 -3.56 17.60
C PHE A 30 -9.01 -2.43 17.68
N TYR A 31 -9.15 -1.43 16.80
CA TYR A 31 -8.16 -0.36 16.69
C TYR A 31 -8.79 0.81 15.91
N SER A 32 -9.07 1.92 16.59
CA SER A 32 -9.95 2.93 16.01
C SER A 32 -9.25 3.85 15.00
N ASN A 33 -7.93 3.99 15.09
CA ASN A 33 -7.20 4.98 14.32
C ASN A 33 -6.92 4.47 12.90
N LYS A 34 -8.01 4.18 12.17
CA LYS A 34 -7.84 3.53 10.88
C LYS A 34 -7.27 4.46 9.82
N GLU A 35 -7.33 5.78 10.02
CA GLU A 35 -7.00 6.73 8.97
C GLU A 35 -5.55 6.63 8.51
N ILE A 36 -4.67 6.02 9.31
CA ILE A 36 -3.27 5.93 8.95
C ILE A 36 -3.03 5.11 7.69
N PHE A 37 -4.02 4.33 7.23
CA PHE A 37 -3.83 3.59 5.98
C PHE A 37 -3.42 4.55 4.85
N LEU A 38 -3.99 5.76 4.82
CA LEU A 38 -3.76 6.63 3.68
C LEU A 38 -2.33 7.20 3.71
N ARG A 39 -1.86 7.56 4.90
CA ARG A 39 -0.47 7.97 5.09
C ARG A 39 0.49 6.90 4.61
N GLU A 40 0.22 5.62 4.93
CA GLU A 40 1.13 4.56 4.57
C GLU A 40 1.17 4.36 3.05
N LEU A 41 0.02 4.45 2.40
CA LEU A 41 0.03 4.20 0.96
C LEU A 41 0.66 5.37 0.21
N ILE A 42 0.45 6.59 0.71
CA ILE A 42 1.07 7.73 0.05
C ILE A 42 2.58 7.68 0.23
N SER A 43 3.03 7.22 1.40
CA SER A 43 4.45 7.11 1.62
C SER A 43 5.06 6.03 0.73
N ASN A 44 4.36 4.90 0.55
CA ASN A 44 4.80 3.91 -0.44
C ASN A 44 4.91 4.54 -1.83
N SER A 45 3.90 5.30 -2.21
CA SER A 45 3.94 6.01 -3.51
C SER A 45 5.14 6.95 -3.59
N SER A 46 5.37 7.73 -2.53
CA SER A 46 6.55 8.61 -2.54
C SER A 46 7.84 7.80 -2.71
N ASP A 47 7.96 6.68 -2.01
CA ASP A 47 9.16 5.85 -2.15
C ASP A 47 9.34 5.35 -3.58
N ALA A 48 8.25 4.94 -4.25
CA ALA A 48 8.31 4.46 -5.63
C ALA A 48 8.65 5.58 -6.62
N LEU A 49 8.14 6.78 -6.35
CA LEU A 49 8.54 7.91 -7.17
C LEU A 49 10.02 8.25 -6.98
N ASP A 50 10.51 8.23 -5.73
CA ASP A 50 11.95 8.43 -5.50
C ASP A 50 12.78 7.49 -6.35
N LYS A 51 12.37 6.21 -6.43
CA LYS A 51 13.17 5.21 -7.14
C LYS A 51 13.28 5.53 -8.62
N ILE A 52 12.16 5.78 -9.29
CA ILE A 52 12.27 6.07 -10.71
C ILE A 52 12.97 7.41 -10.91
N ARG A 53 12.77 8.39 -10.01
CA ARG A 53 13.54 9.62 -10.15
C ARG A 53 15.03 9.37 -10.06
N TYR A 54 15.46 8.52 -9.10
CA TYR A 54 16.89 8.24 -9.01
C TYR A 54 17.41 7.60 -10.29
N GLU A 55 16.64 6.66 -10.87
CA GLU A 55 17.15 5.97 -12.06
C GLU A 55 17.27 6.93 -13.22
N SER A 56 16.35 7.87 -13.32
CA SER A 56 16.36 8.82 -14.42
C SER A 56 17.54 9.77 -14.35
N LEU A 57 18.19 9.89 -13.18
CA LEU A 57 19.31 10.83 -13.05
C LEU A 57 20.45 10.47 -13.97
N THR A 58 20.64 9.17 -14.21
CA THR A 58 21.71 8.70 -15.07
C THR A 58 21.22 8.11 -16.38
N ASP A 59 19.91 7.89 -16.53
CA ASP A 59 19.32 7.37 -17.76
C ASP A 59 17.99 8.06 -18.02
N PRO A 60 18.00 9.19 -18.73
CA PRO A 60 16.73 9.91 -18.99
C PRO A 60 15.67 9.05 -19.66
N SER A 61 16.06 8.07 -20.49
CA SER A 61 15.05 7.28 -21.21
C SER A 61 14.17 6.49 -20.25
N LYS A 62 14.56 6.39 -18.97
CA LYS A 62 13.71 5.74 -17.98
C LYS A 62 12.38 6.45 -17.84
N LEU A 63 12.30 7.73 -18.23
CA LEU A 63 11.04 8.45 -18.15
C LEU A 63 10.33 8.50 -19.49
N ASP A 64 10.75 7.70 -20.48
CA ASP A 64 10.01 7.65 -21.74
C ASP A 64 8.57 7.21 -21.53
N SER A 65 8.33 6.41 -20.49
CA SER A 65 6.99 5.94 -20.16
C SER A 65 6.18 6.95 -19.38
N GLY A 66 6.71 8.16 -19.14
CA GLY A 66 5.96 9.14 -18.41
C GLY A 66 6.86 10.10 -17.64
N LYS A 67 6.87 11.38 -18.01
CA LYS A 67 7.77 12.31 -17.34
C LYS A 67 7.20 12.82 -16.03
N GLU A 68 5.88 12.83 -15.86
CA GLU A 68 5.30 13.44 -14.67
C GLU A 68 5.40 12.49 -13.47
N LEU A 69 5.78 13.03 -12.33
CA LEU A 69 5.98 12.26 -11.09
C LEU A 69 4.97 12.81 -10.08
N HIS A 70 3.87 12.07 -9.86
CA HIS A 70 2.78 12.59 -9.05
C HIS A 70 1.96 11.47 -8.39
N ILE A 71 1.07 11.89 -7.51
CA ILE A 71 0.14 11.03 -6.76
C ILE A 71 -1.27 11.61 -6.92
N ASN A 72 -2.21 10.78 -7.37
CA ASN A 72 -3.60 11.17 -7.47
C ASN A 72 -4.44 10.33 -6.51
N LEU A 73 -5.40 10.98 -5.86
CA LEU A 73 -6.37 10.30 -5.01
C LEU A 73 -7.74 10.43 -5.64
N ILE A 74 -8.37 9.30 -5.95
CA ILE A 74 -9.59 9.28 -6.75
C ILE A 74 -10.67 8.55 -5.97
N PRO A 75 -11.57 9.28 -5.30
CA PRO A 75 -12.72 8.63 -4.67
C PRO A 75 -13.83 8.41 -5.68
N ASN A 76 -14.53 7.28 -5.54
CA ASN A 76 -15.69 6.99 -6.37
C ASN A 76 -16.78 6.44 -5.49
N LYS A 77 -17.81 7.25 -5.20
CA LYS A 77 -18.83 6.81 -4.26
C LYS A 77 -19.78 5.77 -4.87
N GLN A 78 -19.89 5.70 -6.20
CA GLN A 78 -20.80 4.73 -6.81
C GLN A 78 -20.21 3.33 -6.78
N ASP A 79 -18.90 3.21 -7.00
CA ASP A 79 -18.18 1.94 -6.89
C ASP A 79 -17.77 1.63 -5.45
N ARG A 80 -17.85 2.62 -4.58
CA ARG A 80 -17.34 2.57 -3.20
C ARG A 80 -15.85 2.22 -3.19
N THR A 81 -15.09 2.96 -3.99
CA THR A 81 -13.65 2.73 -4.07
C THR A 81 -12.89 4.02 -3.85
N LEU A 82 -11.73 3.90 -3.20
CA LEU A 82 -10.72 4.93 -3.16
C LEU A 82 -9.49 4.39 -3.86
N THR A 83 -9.02 5.08 -4.90
CA THR A 83 -7.86 4.65 -5.68
C THR A 83 -6.72 5.64 -5.45
N ILE A 84 -5.54 5.11 -5.11
CA ILE A 84 -4.31 5.89 -4.97
C ILE A 84 -3.43 5.58 -6.18
N VAL A 85 -3.20 6.57 -7.06
CA VAL A 85 -2.41 6.38 -8.27
C VAL A 85 -1.09 7.08 -8.09
N ASP A 86 0.01 6.42 -8.47
N ASP A 86 0.01 6.42 -8.47
CA ASP A 86 1.29 7.12 -8.59
CA ASP A 86 1.29 7.12 -8.59
C ASP A 86 1.95 6.70 -9.90
C ASP A 86 1.95 6.70 -9.90
N THR A 87 2.86 7.55 -10.35
CA THR A 87 3.67 7.29 -11.54
C THR A 87 5.11 6.93 -11.15
N GLY A 88 5.25 6.16 -10.06
CA GLY A 88 6.57 5.76 -9.60
C GLY A 88 7.13 4.63 -10.43
N ILE A 89 8.09 3.90 -9.85
CA ILE A 89 8.82 2.88 -10.63
C ILE A 89 7.96 1.67 -10.97
N GLY A 90 6.87 1.40 -10.23
CA GLY A 90 6.06 0.25 -10.57
C GLY A 90 6.67 -1.04 -10.05
N MET A 91 6.01 -2.14 -10.38
CA MET A 91 6.43 -3.43 -9.84
C MET A 91 6.42 -4.43 -10.97
N THR A 92 7.43 -5.32 -11.04
CA THR A 92 7.35 -6.43 -11.99
C THR A 92 6.40 -7.52 -11.46
N LYS A 93 6.10 -8.52 -12.30
CA LYS A 93 5.30 -9.66 -11.84
C LYS A 93 5.96 -10.32 -10.65
N ALA A 94 7.29 -10.54 -10.72
CA ALA A 94 8.00 -11.17 -9.62
C ALA A 94 7.88 -10.34 -8.36
N ASP A 95 7.95 -9.01 -8.50
CA ASP A 95 7.74 -8.11 -7.36
C ASP A 95 6.36 -8.31 -6.75
N LEU A 96 5.32 -8.38 -7.58
CA LEU A 96 3.99 -8.53 -7.02
C LEU A 96 3.87 -9.81 -6.22
N ILE A 97 4.37 -10.92 -6.78
CA ILE A 97 4.27 -12.21 -6.10
C ILE A 97 5.07 -12.18 -4.80
N ASN A 98 6.22 -11.54 -4.81
CA ASN A 98 7.08 -11.45 -3.63
C ASN A 98 6.62 -10.30 -2.71
N ASN A 99 5.37 -10.41 -2.26
CA ASN A 99 4.80 -9.50 -1.27
C ASN A 99 4.89 -8.03 -1.71
N LEU A 100 4.55 -7.77 -2.98
CA LEU A 100 4.51 -6.40 -3.52
C LEU A 100 5.79 -5.63 -3.24
N GLY A 101 6.92 -6.30 -3.49
CA GLY A 101 8.21 -5.65 -3.42
C GLY A 101 8.72 -5.38 -2.03
N THR A 102 8.17 -6.05 -0.99
CA THR A 102 8.53 -5.81 0.39
C THR A 102 9.28 -7.04 0.92
N ILE A 103 9.99 -6.84 2.03
N ILE A 103 9.97 -6.87 2.04
CA ILE A 103 10.57 -7.97 2.75
CA ILE A 103 10.52 -8.01 2.75
C ILE A 103 9.60 -8.35 3.86
C ILE A 103 9.55 -8.35 3.88
N ALA A 104 8.38 -8.74 3.46
N ALA A 104 8.33 -8.72 3.50
CA ALA A 104 7.28 -8.78 4.41
CA ALA A 104 7.22 -8.75 4.45
C ALA A 104 7.46 -9.87 5.47
C ALA A 104 7.42 -9.78 5.55
N LYS A 105 8.23 -10.92 5.19
N LYS A 105 8.10 -10.90 5.26
CA LYS A 105 8.39 -11.96 6.21
CA LYS A 105 8.31 -11.91 6.29
C LYS A 105 9.17 -11.42 7.42
C LYS A 105 9.15 -11.33 7.43
N SER A 106 10.37 -10.88 7.20
N SER A 106 10.37 -10.86 7.13
CA SER A 106 11.10 -10.36 8.35
CA SER A 106 11.18 -10.26 8.17
C SER A 106 10.45 -9.11 8.91
C SER A 106 10.56 -8.96 8.68
N GLY A 107 9.82 -8.28 8.06
N GLY A 107 9.88 -8.22 7.82
CA GLY A 107 9.14 -7.10 8.57
CA GLY A 107 9.20 -7.01 8.27
C GLY A 107 7.99 -7.44 9.50
C GLY A 107 8.16 -7.30 9.33
N THR A 108 7.17 -8.43 9.13
N THR A 108 7.31 -8.30 9.08
CA THR A 108 6.08 -8.87 9.99
CA THR A 108 6.33 -8.71 10.09
C THR A 108 6.60 -9.39 11.32
C THR A 108 7.04 -9.18 11.36
N LYS A 109 7.69 -10.17 11.28
N LYS A 109 8.19 -9.84 11.20
CA LYS A 109 8.27 -10.68 12.52
CA LYS A 109 8.95 -10.29 12.37
C LYS A 109 8.58 -9.54 13.47
C LYS A 109 9.45 -9.10 13.19
N ALA A 110 9.28 -8.51 12.99
N ALA A 110 10.18 -8.17 12.55
CA ALA A 110 9.63 -7.36 13.81
CA ALA A 110 10.63 -6.98 13.26
C ALA A 110 8.39 -6.62 14.31
C ALA A 110 9.44 -6.20 13.83
N PHE A 111 7.46 -6.34 13.40
N PHE A 111 8.36 -6.09 13.06
CA PHE A 111 6.27 -5.60 13.78
CA PHE A 111 7.16 -5.43 13.58
C PHE A 111 5.55 -6.30 14.93
C PHE A 111 6.66 -6.13 14.84
N MET A 112 5.40 -7.62 14.83
N MET A 112 6.57 -7.47 14.81
CA MET A 112 4.58 -8.30 15.81
CA MET A 112 6.08 -8.20 15.96
C MET A 112 5.28 -8.40 17.16
C MET A 112 7.05 -8.09 17.12
N GLU A 113 6.60 -8.46 17.18
N GLU A 113 8.33 -8.41 16.88
CA GLU A 113 7.32 -8.30 18.44
CA GLU A 113 9.38 -8.14 17.87
C GLU A 113 7.13 -6.89 19.01
C GLU A 113 9.26 -6.73 18.41
N ALA A 114 7.16 -5.88 18.16
N ALA A 114 9.19 -5.76 17.49
CA ALA A 114 6.98 -4.52 18.63
CA ALA A 114 9.04 -4.35 17.84
C ALA A 114 5.61 -4.32 19.26
C ALA A 114 7.54 -4.02 18.02
N LEU A 115 4.57 -4.95 18.69
N LEU A 115 6.93 -4.74 18.96
CA LEU A 115 3.23 -4.81 19.23
CA LEU A 115 5.55 -4.51 19.35
C LEU A 115 3.10 -5.42 20.63
C LEU A 115 5.42 -4.88 20.82
N GLN A 116 3.81 -6.51 20.88
N GLN A 116 6.21 -5.86 21.26
CA GLN A 116 3.80 -7.07 22.21
CA GLN A 116 6.33 -6.08 22.71
C GLN A 116 4.75 -6.33 23.15
C GLN A 116 7.31 -5.07 23.32
N ALA A 117 5.62 -5.48 22.61
N ALA A 117 8.40 -4.77 22.62
CA ALA A 117 6.55 -4.67 23.39
CA ALA A 117 9.35 -3.77 23.10
C ALA A 117 6.15 -3.19 23.37
C ALA A 117 8.66 -2.46 23.43
N GLY A 118 4.86 -2.90 23.21
N GLY A 118 7.41 -2.29 22.99
CA GLY A 118 4.31 -1.58 23.49
CA GLY A 118 6.67 -1.09 23.35
C GLY A 118 3.72 -0.86 22.29
C GLY A 118 6.31 -0.21 22.18
N ALA A 119 4.21 -1.19 21.08
N ALA A 119 6.12 -0.81 21.02
CA ALA A 119 3.83 -0.41 19.93
CA ALA A 119 5.79 -0.06 19.83
C ALA A 119 2.35 -0.59 19.59
C ALA A 119 4.28 0.14 19.75
N ASP A 120 1.88 0.18 18.62
N ASP A 120 3.83 0.82 18.70
CA ASP A 120 0.54 -0.02 18.11
CA ASP A 120 2.42 1.08 18.48
C ASP A 120 0.56 -0.06 16.59
C ASP A 120 2.02 0.63 17.09
N ILE A 121 -0.60 -0.39 16.02
N ILE A 121 0.71 0.45 16.89
CA ILE A 121 -0.71 -0.63 14.60
CA ILE A 121 0.16 0.14 15.57
C ILE A 121 -0.22 0.54 13.78
C ILE A 121 -0.04 1.42 14.76
N SER A 122 -0.35 1.76 14.31
N SER A 122 0.84 2.40 14.95
CA SER A 122 0.02 2.93 13.50
CA SER A 122 1.00 3.45 13.95
C SER A 122 1.49 2.95 13.14
C SER A 122 2.37 3.41 13.32
N MET A 123 2.31 2.19 13.83
N MET A 123 3.25 2.53 13.81
CA MET A 123 3.76 2.15 13.61
CA MET A 123 4.60 2.34 13.34
C MET A 123 4.17 1.17 12.52
C MET A 123 4.69 1.30 12.23
N ILE A 124 3.20 0.58 11.80
N ILE A 124 3.57 0.70 11.82
CA ILE A 124 3.46 -0.47 10.81
CA ILE A 124 3.63 -0.41 10.87
C ILE A 124 4.47 -0.06 9.74
C ILE A 124 4.54 -0.06 9.70
N GLY A 125 4.47 1.22 9.33
N GLY A 125 4.46 1.18 9.21
CA GLY A 125 5.33 1.62 8.23
CA GLY A 125 5.33 1.60 8.13
C GLY A 125 6.81 1.52 8.57
C GLY A 125 6.80 1.59 8.51
N GLN A 126 7.16 1.58 9.85
N GLN A 126 7.11 1.64 9.80
CA GLN A 126 8.55 1.43 10.25
CA GLN A 126 8.50 1.63 10.27
C GLN A 126 9.08 0.04 9.97
C GLN A 126 9.16 0.28 10.07
N PHE A 127 8.20 -0.92 9.68
N PHE A 127 8.43 -0.71 9.54
CA PHE A 127 8.57 -2.31 9.43
CA PHE A 127 8.94 -2.06 9.38
C PHE A 127 8.39 -2.71 7.97
C PHE A 127 8.69 -2.59 7.98
N GLY A 128 8.20 -1.75 7.07
CA GLY A 128 8.19 -2.06 5.68
C GLY A 128 6.98 -2.81 5.18
N VAL A 129 5.93 -2.96 5.99
CA VAL A 129 4.73 -3.66 5.58
C VAL A 129 3.51 -2.74 5.66
N GLY A 130 3.74 -1.43 5.44
CA GLY A 130 2.65 -0.48 5.57
C GLY A 130 1.53 -0.70 4.56
N PHE A 131 1.85 -1.29 3.41
CA PHE A 131 0.80 -1.58 2.41
C PHE A 131 -0.36 -2.33 3.04
N TYR A 132 -0.07 -3.29 3.94
CA TYR A 132 -1.16 -4.15 4.40
C TYR A 132 -2.13 -3.42 5.32
N SER A 133 -1.78 -2.21 5.78
CA SER A 133 -2.75 -1.39 6.51
C SER A 133 -3.95 -1.02 5.66
N ALA A 134 -3.86 -1.20 4.33
CA ALA A 134 -5.07 -1.06 3.50
C ALA A 134 -6.24 -1.88 4.03
N TYR A 135 -5.97 -3.05 4.67
CA TYR A 135 -7.09 -3.87 5.14
C TYR A 135 -7.71 -3.36 6.46
N LEU A 136 -7.23 -2.23 6.99
CA LEU A 136 -8.00 -1.53 8.03
C LEU A 136 -9.33 -1.00 7.49
N VAL A 137 -9.39 -0.61 6.21
CA VAL A 137 -10.59 0.00 5.64
C VAL A 137 -11.14 -0.73 4.42
N ALA A 138 -10.40 -1.64 3.80
CA ALA A 138 -10.80 -2.24 2.53
C ALA A 138 -11.17 -3.70 2.75
N GLU A 139 -12.28 -4.12 2.15
CA GLU A 139 -12.56 -5.55 2.15
C GLU A 139 -11.81 -6.29 1.04
N LYS A 140 -11.43 -5.57 -0.02
CA LYS A 140 -10.69 -6.18 -1.11
C LYS A 140 -9.76 -5.10 -1.63
N VAL A 141 -8.56 -5.49 -2.02
CA VAL A 141 -7.62 -4.51 -2.59
C VAL A 141 -7.15 -5.02 -3.95
N THR A 142 -7.20 -4.16 -4.97
CA THR A 142 -6.69 -4.47 -6.29
C THR A 142 -5.48 -3.56 -6.56
N VAL A 143 -4.37 -4.14 -7.01
CA VAL A 143 -3.18 -3.37 -7.34
C VAL A 143 -2.89 -3.57 -8.81
N ILE A 144 -2.96 -2.48 -9.60
CA ILE A 144 -2.57 -2.52 -11.00
C ILE A 144 -1.20 -1.88 -11.10
N THR A 145 -0.30 -2.49 -11.85
CA THR A 145 1.05 -1.97 -11.86
C THR A 145 1.71 -2.22 -13.22
N LYS A 146 2.62 -1.31 -13.57
CA LYS A 146 3.42 -1.36 -14.78
C LYS A 146 4.83 -0.87 -14.44
N HIS A 147 5.80 -1.74 -14.62
CA HIS A 147 7.22 -1.43 -14.51
C HIS A 147 7.83 -1.35 -15.91
N ASN A 148 8.84 -0.49 -16.07
CA ASN A 148 9.50 -0.38 -17.37
C ASN A 148 9.94 -1.73 -17.93
N ASP A 149 10.36 -2.67 -17.07
CA ASP A 149 10.92 -3.94 -17.55
C ASP A 149 9.91 -5.09 -17.62
N ASP A 150 8.62 -4.81 -17.47
CA ASP A 150 7.62 -5.88 -17.52
C ASP A 150 6.33 -5.35 -18.13
N GLU A 151 5.35 -6.24 -18.23
CA GLU A 151 4.02 -5.91 -18.71
C GLU A 151 3.16 -5.42 -17.57
N GLN A 152 1.93 -5.01 -17.89
CA GLN A 152 0.99 -4.53 -16.88
C GLN A 152 0.22 -5.68 -16.24
N TYR A 153 0.19 -5.71 -14.91
N TYR A 153 0.19 -5.71 -14.91
CA TYR A 153 -0.39 -6.80 -14.15
CA TYR A 153 -0.39 -6.80 -14.15
C TYR A 153 -1.39 -6.28 -13.12
C TYR A 153 -1.39 -6.28 -13.12
N ALA A 154 -2.36 -7.13 -12.78
CA ALA A 154 -3.31 -6.87 -11.69
C ALA A 154 -3.14 -7.93 -10.60
N TRP A 155 -2.83 -7.47 -9.38
CA TRP A 155 -2.81 -8.28 -8.15
C TRP A 155 -4.11 -8.04 -7.39
N GLU A 156 -4.66 -9.07 -6.75
CA GLU A 156 -5.89 -8.84 -6.04
C GLU A 156 -6.01 -9.76 -4.83
N SER A 157 -6.56 -9.24 -3.74
CA SER A 157 -6.80 -10.12 -2.59
C SER A 157 -7.91 -9.58 -1.70
N SER A 158 -8.78 -10.50 -1.26
CA SER A 158 -9.76 -10.23 -0.21
C SER A 158 -9.32 -10.87 1.10
N ALA A 159 -8.02 -11.01 1.30
CA ALA A 159 -7.42 -11.73 2.45
C ALA A 159 -7.90 -13.18 2.38
N GLY A 160 -8.18 -13.83 3.49
CA GLY A 160 -8.55 -15.24 3.38
C GLY A 160 -7.46 -16.17 2.90
N GLY A 161 -6.20 -15.73 2.90
CA GLY A 161 -5.09 -16.64 2.67
C GLY A 161 -4.57 -16.74 1.25
N SER A 162 -5.18 -16.05 0.29
CA SER A 162 -4.75 -16.19 -1.09
C SER A 162 -4.85 -14.84 -1.81
N PHE A 163 -4.07 -14.72 -2.90
CA PHE A 163 -4.11 -13.57 -3.80
C PHE A 163 -4.04 -14.10 -5.21
N THR A 164 -4.50 -13.29 -6.17
CA THR A 164 -4.42 -13.66 -7.57
C THR A 164 -3.57 -12.66 -8.34
N VAL A 165 -2.94 -13.15 -9.40
CA VAL A 165 -2.21 -12.30 -10.33
C VAL A 165 -2.68 -12.62 -11.74
N ARG A 166 -2.93 -11.58 -12.54
CA ARG A 166 -3.28 -11.82 -13.93
C ARG A 166 -2.73 -10.67 -14.75
N THR A 167 -2.56 -10.92 -16.04
CA THR A 167 -2.25 -9.85 -16.97
C THR A 167 -3.43 -8.88 -17.03
N ASP A 168 -3.14 -7.59 -16.98
CA ASP A 168 -4.19 -6.60 -16.96
C ASP A 168 -4.49 -6.12 -18.37
N THR A 169 -5.70 -6.40 -18.83
CA THR A 169 -6.18 -5.90 -20.12
C THR A 169 -6.84 -4.53 -20.01
N GLY A 170 -6.88 -3.96 -18.80
CA GLY A 170 -7.49 -2.66 -18.56
C GLY A 170 -6.78 -1.49 -19.23
N GLU A 171 -7.13 -0.29 -18.82
CA GLU A 171 -6.55 0.90 -19.41
C GLU A 171 -5.04 0.93 -19.17
N PRO A 172 -4.22 1.11 -20.21
CA PRO A 172 -2.76 1.10 -20.02
C PRO A 172 -2.30 2.26 -19.17
N MET A 173 -1.34 2.01 -18.28
CA MET A 173 -0.91 3.01 -17.30
C MET A 173 0.36 3.76 -17.65
N GLY A 174 1.14 3.30 -18.61
CA GLY A 174 2.40 3.97 -18.85
C GLY A 174 3.49 3.47 -17.92
N ARG A 175 3.43 3.89 -16.65
CA ARG A 175 4.34 3.44 -15.60
C ARG A 175 3.76 3.84 -14.25
N GLY A 176 3.86 2.94 -13.27
CA GLY A 176 3.46 3.29 -11.92
C GLY A 176 2.59 2.22 -11.29
N THR A 177 1.86 2.62 -10.27
CA THR A 177 1.04 1.72 -9.48
C THR A 177 -0.28 2.38 -9.13
N LYS A 178 -1.33 1.57 -9.17
CA LYS A 178 -2.67 1.99 -8.77
C LYS A 178 -3.18 1.03 -7.70
N VAL A 179 -3.49 1.54 -6.51
CA VAL A 179 -4.05 0.73 -5.42
C VAL A 179 -5.52 1.09 -5.32
N ILE A 180 -6.38 0.13 -5.62
CA ILE A 180 -7.83 0.30 -5.62
C ILE A 180 -8.34 -0.30 -4.33
N LEU A 181 -8.86 0.55 -3.44
CA LEU A 181 -9.41 0.09 -2.17
C LEU A 181 -10.92 -0.08 -2.29
N HIS A 182 -11.40 -1.31 -2.21
CA HIS A 182 -12.86 -1.55 -2.20
C HIS A 182 -13.27 -1.48 -0.73
N LEU A 183 -13.87 -0.36 -0.35
CA LEU A 183 -13.99 -0.04 1.07
C LEU A 183 -15.06 -0.87 1.76
N LYS A 184 -14.83 -1.14 3.05
CA LYS A 184 -15.85 -1.76 3.88
C LYS A 184 -17.05 -0.82 4.02
N GLU A 185 -18.22 -1.42 4.22
CA GLU A 185 -19.48 -0.67 4.21
C GLU A 185 -19.47 0.48 5.20
N ASP A 186 -18.82 0.32 6.35
N ASP A 186 -18.82 0.32 6.35
CA ASP A 186 -18.86 1.32 7.40
CA ASP A 186 -18.86 1.32 7.40
C ASP A 186 -17.66 2.27 7.35
C ASP A 186 -17.66 2.27 7.35
N GLN A 187 -16.88 2.25 6.26
CA GLN A 187 -15.69 3.08 6.12
C GLN A 187 -15.84 4.06 4.96
N THR A 188 -17.07 4.43 4.60
CA THR A 188 -17.21 5.34 3.46
C THR A 188 -16.84 6.79 3.78
N GLU A 189 -16.53 7.13 5.03
CA GLU A 189 -16.02 8.47 5.32
C GLU A 189 -14.75 8.80 4.52
N TYR A 190 -13.99 7.78 4.14
CA TYR A 190 -12.74 8.01 3.40
C TYR A 190 -12.99 8.25 1.91
N LEU A 191 -14.25 8.35 1.48
CA LEU A 191 -14.58 8.86 0.15
C LEU A 191 -14.98 10.33 0.17
N GLU A 192 -15.10 10.94 1.35
CA GLU A 192 -15.58 12.32 1.46
C GLU A 192 -14.41 13.29 1.36
N GLU A 193 -14.64 14.38 0.61
CA GLU A 193 -13.54 15.28 0.27
C GLU A 193 -12.94 15.90 1.54
N ARG A 194 -13.78 16.37 2.47
CA ARG A 194 -13.18 17.07 3.59
C ARG A 194 -12.41 16.13 4.51
N ARG A 195 -12.83 14.86 4.57
CA ARG A 195 -12.13 13.89 5.39
C ARG A 195 -10.79 13.51 4.76
N ILE A 196 -10.75 13.31 3.44
CA ILE A 196 -9.47 13.00 2.77
C ILE A 196 -8.52 14.16 2.92
N LYS A 197 -9.00 15.39 2.71
CA LYS A 197 -8.13 16.57 2.83
C LYS A 197 -7.53 16.69 4.22
N GLU A 198 -8.37 16.47 5.26
CA GLU A 198 -7.88 16.48 6.64
C GLU A 198 -6.75 15.47 6.85
N ILE A 199 -6.90 14.27 6.30
CA ILE A 199 -5.90 13.22 6.56
C ILE A 199 -4.61 13.54 5.84
N VAL A 200 -4.71 14.03 4.61
CA VAL A 200 -3.52 14.40 3.85
C VAL A 200 -2.78 15.52 4.56
N LYS A 201 -3.52 16.52 5.03
CA LYS A 201 -2.84 17.64 5.71
C LYS A 201 -2.25 17.21 7.04
N LYS A 202 -2.90 16.28 7.74
CA LYS A 202 -2.42 15.84 9.06
C LYS A 202 -1.12 15.05 8.95
N HIS A 203 -1.07 14.11 8.01
CA HIS A 203 -0.09 13.02 8.00
C HIS A 203 0.88 13.05 6.82
N SER A 204 0.59 13.79 5.76
CA SER A 204 1.38 13.72 4.53
C SER A 204 1.77 15.13 4.06
N GLN A 205 1.85 16.08 4.98
CA GLN A 205 2.01 17.45 4.53
C GLN A 205 3.39 17.72 3.94
N PHE A 206 4.38 16.84 4.16
N PHE A 206 4.36 16.83 4.10
CA PHE A 206 5.75 17.01 3.68
CA PHE A 206 5.71 17.09 3.61
C PHE A 206 6.14 16.01 2.57
C PHE A 206 6.13 16.10 2.51
N ILE A 207 5.16 15.41 1.90
CA ILE A 207 5.48 14.53 0.77
C ILE A 207 5.91 15.39 -0.41
N GLY A 208 7.03 15.03 -1.04
CA GLY A 208 7.64 15.87 -2.04
C GLY A 208 7.12 15.71 -3.47
N TYR A 209 5.85 15.36 -3.63
CA TYR A 209 5.27 15.18 -4.94
C TYR A 209 3.86 15.73 -4.86
N PRO A 210 3.33 16.29 -5.95
CA PRO A 210 1.97 16.85 -5.89
C PRO A 210 0.94 15.75 -5.67
N ILE A 211 0.05 15.98 -4.72
CA ILE A 211 -1.02 15.04 -4.42
C ILE A 211 -2.31 15.73 -4.82
N THR A 212 -3.02 15.15 -5.78
CA THR A 212 -4.21 15.81 -6.32
C THR A 212 -5.41 14.98 -5.91
N LEU A 213 -6.31 15.60 -5.15
CA LEU A 213 -7.56 14.95 -4.74
C LEU A 213 -8.59 15.27 -5.81
N PHE A 214 -8.95 14.24 -6.58
CA PHE A 214 -9.99 14.39 -7.60
C PHE A 214 -11.35 14.63 -6.94
N VAL A 215 -12.22 15.40 -7.61
CA VAL A 215 -13.58 15.61 -7.12
C VAL A 215 -14.55 14.78 -7.98
N GLU A 216 -15.77 14.61 -7.47
CA GLU A 216 -16.80 13.83 -8.14
C GLU A 216 -17.97 14.67 -8.63
N LYS A 217 -18.56 14.23 -9.75
CA LYS A 217 -19.78 14.82 -10.34
C LYS A 217 -20.90 15.01 -9.32
C10 A1AYP B . 2.25 -6.74 21.03
C12 A1AYP B . -0.01 -5.63 14.24
C1 A1AYP B . -0.96 -5.07 13.44
C11 A1AYP B . -0.42 -6.25 15.42
C2 A1AYP B . -2.29 -5.09 13.75
C3 A1AYP B . -2.69 -5.71 14.93
C4 A1AYP B . -1.76 -6.30 15.78
C5 A1AYP B . -2.20 -6.97 17.06
C6 A1AYP B . -0.60 -6.53 18.84
C7 A1AYP B . 0.61 -6.94 19.54
C8 A1AYP B . 1.46 -8.03 19.41
C9 A1AYP B . 2.46 -7.90 20.34
F1 A1AYP B . -0.57 -4.47 12.29
N1 A1AYP B . -1.10 -7.35 17.92
N2 A1AYP B . 1.13 -6.16 20.55
O1 A1AYP B . -1.10 -5.42 19.05
#